data_7NB0
#
_entry.id   7NB0
#
_cell.length_a   67.404
_cell.length_b   67.436
_cell.length_c   122.568
_cell.angle_alpha   90.00
_cell.angle_beta   90.00
_cell.angle_gamma   90.00
#
_symmetry.space_group_name_H-M   'C 2 2 21'
#
loop_
_entity.id
_entity.type
_entity.pdbx_description
1 polymer 'Developmental protein SEPALLATA 3'
2 water water
#
_entity_poly.entity_id   1
_entity_poly.type   'polypeptide(L)'
_entity_poly.pdbx_seq_one_letter_code
;QVTFAKRRNGLLKKAYELSVLCDAEVALIIFSNRGKLYEFCSSSSMLRTLERYQKCN
;
_entity_poly.pdbx_strand_id   A,B,C,D
#
# COMPACT_ATOMS: atom_id res chain seq x y z
N GLN A 1 -19.52 -3.50 -14.56
CA GLN A 1 -19.25 -4.34 -13.37
C GLN A 1 -19.04 -3.43 -12.17
N VAL A 2 -20.07 -3.30 -11.35
CA VAL A 2 -20.13 -2.31 -10.27
C VAL A 2 -19.04 -2.56 -9.23
N THR A 3 -18.67 -3.84 -9.04
CA THR A 3 -17.63 -4.22 -8.08
C THR A 3 -16.20 -4.20 -8.62
N PHE A 4 -16.05 -3.94 -9.94
CA PHE A 4 -14.72 -4.01 -10.59
C PHE A 4 -13.68 -3.11 -9.92
N ALA A 5 -14.05 -1.84 -9.70
CA ALA A 5 -13.13 -0.86 -9.11
C ALA A 5 -12.62 -1.34 -7.75
N LYS A 6 -13.54 -1.83 -6.91
CA LYS A 6 -13.20 -2.29 -5.56
C LYS A 6 -12.26 -3.50 -5.59
N ARG A 7 -12.59 -4.51 -6.40
CA ARG A 7 -11.78 -5.72 -6.49
C ARG A 7 -10.40 -5.41 -7.08
N ARG A 8 -10.39 -4.56 -8.12
CA ARG A 8 -9.16 -4.11 -8.75
C ARG A 8 -8.24 -3.41 -7.75
N ASN A 9 -8.76 -2.40 -7.05
CA ASN A 9 -7.99 -1.67 -6.06
C ASN A 9 -7.49 -2.60 -4.97
N GLY A 10 -8.33 -3.55 -4.53
CA GLY A 10 -7.97 -4.51 -3.51
C GLY A 10 -6.80 -5.40 -3.93
N LEU A 11 -6.84 -5.84 -5.19
CA LEU A 11 -5.82 -6.72 -5.74
C LEU A 11 -4.47 -5.98 -5.90
N LEU A 12 -4.54 -4.77 -6.46
CA LEU A 12 -3.33 -3.93 -6.57
C LEU A 12 -2.68 -3.68 -5.21
N LYS A 13 -3.50 -3.36 -4.21
CA LYS A 13 -3.04 -3.15 -2.84
C LYS A 13 -2.41 -4.39 -2.22
N LYS A 14 -3.09 -5.54 -2.34
CA LYS A 14 -2.57 -6.78 -1.79
C LYS A 14 -1.30 -7.29 -2.48
N ALA A 15 -1.20 -7.04 -3.79
CA ALA A 15 0.04 -7.31 -4.54
C ALA A 15 1.20 -6.49 -3.96
N TYR A 16 0.94 -5.20 -3.74
CA TYR A 16 1.91 -4.31 -3.08
C TYR A 16 2.30 -4.85 -1.70
N GLU A 17 1.31 -5.27 -0.91
CA GLU A 17 1.56 -5.73 0.46
C GLU A 17 2.42 -6.97 0.48
N LEU A 18 2.12 -7.93 -0.39
CA LEU A 18 2.91 -9.14 -0.52
C LEU A 18 4.39 -8.82 -0.82
N SER A 19 4.62 -7.86 -1.73
CA SER A 19 5.97 -7.49 -2.12
C SER A 19 6.71 -6.88 -0.93
N VAL A 20 6.02 -6.04 -0.15
CA VAL A 20 6.58 -5.37 1.00
C VAL A 20 6.78 -6.30 2.20
N LEU A 21 5.75 -7.08 2.55
CA LEU A 21 5.78 -7.96 3.71
C LEU A 21 6.75 -9.14 3.60
N CYS A 22 6.89 -9.67 2.39
CA CYS A 22 7.60 -10.93 2.17
C CYS A 22 8.83 -10.83 1.29
N ASP A 23 9.24 -9.61 0.93
CA ASP A 23 10.37 -9.41 0.04
C ASP A 23 10.18 -10.25 -1.23
N ALA A 24 8.95 -10.23 -1.76
CA ALA A 24 8.61 -10.94 -2.97
C ALA A 24 8.57 -9.97 -4.16
N GLU A 25 8.92 -10.47 -5.34
CA GLU A 25 8.85 -9.67 -6.55
C GLU A 25 7.54 -10.01 -7.22
N VAL A 26 6.71 -8.98 -7.47
CA VAL A 26 5.34 -9.13 -7.90
C VAL A 26 5.07 -8.25 -9.12
N ALA A 27 4.46 -8.86 -10.15
CA ALA A 27 3.94 -8.13 -11.32
C ALA A 27 2.47 -8.52 -11.48
N LEU A 28 1.63 -7.50 -11.73
CA LEU A 28 0.20 -7.66 -11.82
C LEU A 28 -0.30 -6.78 -12.95
N ILE A 29 -0.97 -7.40 -13.92
CA ILE A 29 -1.52 -6.72 -15.08
C ILE A 29 -3.01 -7.03 -15.14
N ILE A 30 -3.82 -5.98 -15.30
CA ILE A 30 -5.28 -6.09 -15.34
C ILE A 30 -5.82 -5.25 -16.47
N PHE A 31 -6.58 -5.89 -17.38
CA PHE A 31 -7.33 -5.20 -18.41
C PHE A 31 -8.79 -5.33 -18.04
N SER A 32 -9.49 -4.21 -17.95
CA SER A 32 -10.93 -4.20 -17.78
C SER A 32 -11.59 -4.77 -19.04
N ASN A 33 -12.88 -5.08 -18.95
CA ASN A 33 -13.68 -5.49 -20.11
C ASN A 33 -13.87 -4.37 -21.15
N ARG A 34 -13.49 -3.14 -20.81
CA ARG A 34 -13.44 -2.02 -21.74
C ARG A 34 -12.03 -1.78 -22.22
N GLY A 35 -11.10 -2.64 -21.79
CA GLY A 35 -9.71 -2.58 -22.22
C GLY A 35 -8.81 -1.58 -21.51
N LYS A 36 -9.26 -1.01 -20.39
CA LYS A 36 -8.41 -0.12 -19.61
C LYS A 36 -7.38 -0.95 -18.84
N LEU A 37 -6.12 -0.52 -18.91
CA LEU A 37 -4.99 -1.20 -18.30
C LEU A 37 -4.72 -0.65 -16.89
N TYR A 38 -4.58 -1.55 -15.92
CA TYR A 38 -4.09 -1.21 -14.60
C TYR A 38 -2.97 -2.18 -14.30
N GLU A 39 -1.95 -1.73 -13.55
CA GLU A 39 -0.77 -2.55 -13.32
C GLU A 39 -0.04 -2.17 -12.06
N PHE A 40 0.66 -3.15 -11.49
CA PHE A 40 1.59 -2.94 -10.41
C PHE A 40 2.82 -3.81 -10.65
N CYS A 41 4.02 -3.26 -10.42
CA CYS A 41 5.25 -4.05 -10.37
C CYS A 41 6.11 -3.56 -9.23
N SER A 42 6.58 -4.48 -8.39
CA SER A 42 7.36 -4.14 -7.20
C SER A 42 8.82 -3.78 -7.53
N SER A 43 9.31 -4.26 -8.67
CA SER A 43 10.72 -4.09 -9.03
C SER A 43 10.98 -2.72 -9.68
N SER A 44 12.23 -2.48 -10.06
CA SER A 44 12.65 -1.28 -10.76
C SER A 44 11.88 -1.05 -12.06
N SER A 45 11.45 -2.12 -12.73
CA SER A 45 10.64 -2.01 -13.95
C SER A 45 9.88 -3.30 -14.30
N MET A 46 8.66 -3.15 -14.78
CA MET A 46 7.85 -4.26 -15.23
C MET A 46 8.63 -5.14 -16.24
N LEU A 47 9.34 -4.51 -17.19
CA LEU A 47 10.12 -5.22 -18.20
C LEU A 47 11.10 -6.21 -17.58
N ARG A 48 11.80 -5.76 -16.54
CA ARG A 48 12.77 -6.58 -15.83
C ARG A 48 12.14 -7.80 -15.17
N THR A 49 10.95 -7.62 -14.59
CA THR A 49 10.22 -8.71 -13.95
C THR A 49 9.70 -9.72 -14.99
N LEU A 50 9.20 -9.23 -16.13
CA LEU A 50 8.77 -10.07 -17.23
C LEU A 50 9.93 -10.85 -17.84
N GLU A 51 11.10 -10.18 -17.92
CA GLU A 51 12.31 -10.82 -18.38
C GLU A 51 12.77 -11.90 -17.42
N ARG A 52 12.67 -11.63 -16.11
CA ARG A 52 12.98 -12.64 -15.11
C ARG A 52 12.07 -13.83 -15.29
N TYR A 53 10.78 -13.57 -15.48
CA TYR A 53 9.76 -14.63 -15.66
C TYR A 53 10.11 -15.55 -16.83
N GLN A 54 10.46 -14.96 -17.98
CA GLN A 54 10.75 -15.72 -19.19
C GLN A 54 11.96 -16.62 -19.06
N LYS A 55 12.93 -16.22 -18.22
CA LYS A 55 14.16 -16.99 -18.00
C LYS A 55 13.96 -18.32 -17.27
N CYS A 56 12.91 -18.43 -16.45
CA CYS A 56 12.60 -19.70 -15.75
C CYS A 56 12.16 -20.83 -16.70
N ASN A 57 11.13 -20.53 -17.49
CA ASN A 57 10.40 -21.48 -18.32
C ASN A 57 10.67 -21.28 -19.81
N GLN B 1 17.29 -1.80 13.01
CA GLN B 1 16.66 -1.39 11.72
C GLN B 1 17.43 -0.17 11.21
N VAL B 2 18.43 -0.41 10.36
CA VAL B 2 19.36 0.63 9.90
C VAL B 2 18.64 1.75 9.17
N THR B 3 17.53 1.40 8.50
CA THR B 3 16.71 2.34 7.72
C THR B 3 15.64 3.08 8.51
N PHE B 4 15.46 2.72 9.80
CA PHE B 4 14.40 3.31 10.62
C PHE B 4 14.48 4.84 10.67
N ALA B 5 15.66 5.35 11.00
CA ALA B 5 15.89 6.79 11.11
C ALA B 5 15.50 7.53 9.83
N LYS B 6 15.94 7.01 8.68
CA LYS B 6 15.67 7.61 7.38
C LYS B 6 14.17 7.64 7.07
N ARG B 7 13.50 6.50 7.23
CA ARG B 7 12.07 6.39 6.93
C ARG B 7 11.25 7.29 7.88
N ARG B 8 11.62 7.26 9.16
CA ARG B 8 11.00 8.10 10.17
C ARG B 8 11.10 9.59 9.83
N ASN B 9 12.32 10.05 9.59
CA ASN B 9 12.56 11.44 9.22
C ASN B 9 11.78 11.82 7.97
N GLY B 10 11.77 10.92 6.98
CA GLY B 10 11.06 11.15 5.73
C GLY B 10 9.57 11.31 5.93
N LEU B 11 8.99 10.47 6.81
CA LEU B 11 7.57 10.49 7.08
C LEU B 11 7.17 11.76 7.85
N LEU B 12 7.95 12.10 8.87
CA LEU B 12 7.73 13.35 9.62
C LEU B 12 7.75 14.57 8.70
N LYS B 13 8.75 14.62 7.81
CA LYS B 13 8.87 15.68 6.83
C LYS B 13 7.70 15.75 5.84
N LYS B 14 7.32 14.61 5.28
CA LYS B 14 6.20 14.57 4.33
C LYS B 14 4.85 14.88 4.97
N ALA B 15 4.67 14.49 6.24
CA ALA B 15 3.49 14.87 7.02
C ALA B 15 3.42 16.40 7.15
N TYR B 16 4.56 17.01 7.50
CA TYR B 16 4.69 18.47 7.53
C TYR B 16 4.34 19.10 6.17
N GLU B 17 4.88 18.53 5.09
CA GLU B 17 4.69 19.09 3.76
C GLU B 17 3.22 19.07 3.35
N LEU B 18 2.54 17.94 3.60
CA LEU B 18 1.13 17.81 3.34
C LEU B 18 0.30 18.90 4.06
N SER B 19 0.64 19.16 5.33
CA SER B 19 -0.08 20.14 6.12
C SER B 19 0.11 21.53 5.53
N VAL B 20 1.35 21.82 5.10
CA VAL B 20 1.70 23.12 4.53
C VAL B 20 1.15 23.32 3.11
N LEU B 21 1.36 22.32 2.24
CA LEU B 21 0.97 22.41 0.84
C LEU B 21 -0.54 22.42 0.60
N CYS B 22 -1.28 21.69 1.43
CA CYS B 22 -2.70 21.43 1.18
C CYS B 22 -3.63 21.95 2.27
N ASP B 23 -3.10 22.75 3.21
CA ASP B 23 -3.91 23.27 4.31
C ASP B 23 -4.66 22.11 5.01
N ALA B 24 -3.93 21.01 5.23
CA ALA B 24 -4.49 19.82 5.85
C ALA B 24 -4.03 19.75 7.30
N GLU B 25 -4.88 19.18 8.16
CA GLU B 25 -4.55 18.99 9.57
C GLU B 25 -4.06 17.56 9.70
N VAL B 26 -2.82 17.41 10.21
CA VAL B 26 -2.12 16.14 10.23
C VAL B 26 -1.57 15.86 11.62
N ALA B 27 -1.80 14.62 12.10
CA ALA B 27 -1.18 14.10 13.32
C ALA B 27 -0.51 12.78 12.97
N LEU B 28 0.73 12.63 13.44
CA LEU B 28 1.55 11.47 13.17
C LEU B 28 2.27 11.08 14.45
N ILE B 29 2.07 9.83 14.88
CA ILE B 29 2.69 9.27 16.05
C ILE B 29 3.44 8.02 15.63
N ILE B 30 4.71 7.91 16.07
CA ILE B 30 5.58 6.79 15.75
C ILE B 30 6.29 6.33 17.02
N PHE B 31 6.13 5.04 17.36
CA PHE B 31 6.91 4.40 18.39
C PHE B 31 7.86 3.45 17.70
N SER B 32 9.15 3.57 18.00
CA SER B 32 10.15 2.61 17.54
C SER B 32 9.89 1.28 18.25
N ASN B 33 10.52 0.21 17.77
CA ASN B 33 10.48 -1.10 18.42
C ASN B 33 11.18 -1.13 19.78
N ARG B 34 11.92 -0.06 20.12
CA ARG B 34 12.52 0.13 21.44
C ARG B 34 11.68 1.09 22.26
N GLY B 35 10.54 1.51 21.72
CA GLY B 35 9.60 2.34 22.41
C GLY B 35 9.85 3.84 22.42
N LYS B 36 10.79 4.33 21.61
CA LYS B 36 11.02 5.76 21.50
C LYS B 36 9.90 6.41 20.69
N LEU B 37 9.36 7.51 21.21
CA LEU B 37 8.25 8.23 20.61
C LEU B 37 8.76 9.36 19.71
N TYR B 38 8.24 9.43 18.48
CA TYR B 38 8.44 10.57 17.60
C TYR B 38 7.06 10.98 17.14
N GLU B 39 6.86 12.28 16.92
CA GLU B 39 5.54 12.81 16.59
C GLU B 39 5.59 14.11 15.84
N PHE B 40 4.54 14.35 15.04
CA PHE B 40 4.30 15.63 14.41
C PHE B 40 2.81 15.92 14.48
N CYS B 41 2.45 17.17 14.79
CA CYS B 41 1.06 17.64 14.65
C CYS B 41 1.08 19.03 14.08
N SER B 42 0.29 19.26 13.03
CA SER B 42 0.27 20.55 12.33
C SER B 42 -0.51 21.63 13.08
N SER B 43 -1.44 21.21 13.95
CA SER B 43 -2.32 22.14 14.65
C SER B 43 -1.64 22.73 15.89
N SER B 44 -2.38 23.61 16.58
CA SER B 44 -1.94 24.21 17.83
C SER B 44 -1.55 23.19 18.91
N SER B 45 -2.19 22.01 18.90
CA SER B 45 -1.85 20.93 19.83
C SER B 45 -2.34 19.56 19.38
N MET B 46 -1.52 18.54 19.61
CA MET B 46 -1.86 17.17 19.32
C MET B 46 -3.22 16.80 19.95
N LEU B 47 -3.44 17.20 21.21
CA LEU B 47 -4.69 16.91 21.92
C LEU B 47 -5.92 17.37 21.14
N ARG B 48 -5.85 18.58 20.60
CA ARG B 48 -6.95 19.17 19.82
C ARG B 48 -7.25 18.36 18.57
N THR B 49 -6.20 17.88 17.90
CA THR B 49 -6.35 17.08 16.68
C THR B 49 -6.94 15.71 16.99
N LEU B 50 -6.48 15.09 18.09
CA LEU B 50 -7.03 13.82 18.55
C LEU B 50 -8.49 13.95 18.97
N GLU B 51 -8.82 15.09 19.60
CA GLU B 51 -10.18 15.40 19.99
C GLU B 51 -11.06 15.59 18.75
N ARG B 52 -10.54 16.28 17.73
CA ARG B 52 -11.25 16.43 16.48
C ARG B 52 -11.53 15.05 15.88
N TYR B 53 -10.51 14.18 15.88
CA TYR B 53 -10.62 12.83 15.33
C TYR B 53 -11.76 12.04 15.99
N GLN B 54 -11.79 12.06 17.34
CA GLN B 54 -12.77 11.30 18.11
C GLN B 54 -14.20 11.73 17.85
N LYS B 55 -14.40 13.02 17.54
CA LYS B 55 -15.73 13.57 17.30
C LYS B 55 -16.42 13.06 16.02
N CYS B 56 -15.64 12.64 15.01
CA CYS B 56 -16.28 12.10 13.79
C CYS B 56 -16.05 10.61 13.52
N ASN B 57 -16.16 9.79 14.58
CA ASN B 57 -16.16 8.32 14.49
C ASN B 57 -17.57 7.72 14.62
N VAL C 2 4.90 -19.55 7.60
CA VAL C 2 5.01 -18.25 6.90
C VAL C 2 3.63 -17.73 6.43
N THR C 3 3.42 -16.41 6.58
CA THR C 3 2.26 -15.72 6.00
C THR C 3 2.46 -15.32 4.52
N PHE C 4 3.67 -15.54 3.96
CA PHE C 4 3.86 -15.55 2.49
C PHE C 4 2.86 -16.48 1.79
N ALA C 5 2.77 -17.73 2.25
CA ALA C 5 1.90 -18.73 1.66
C ALA C 5 0.44 -18.26 1.66
N LYS C 6 -0.01 -17.74 2.81
CA LYS C 6 -1.38 -17.25 2.98
C LYS C 6 -1.70 -16.09 2.03
N ARG C 7 -0.83 -15.08 2.02
CA ARG C 7 -1.06 -13.91 1.19
C ARG C 7 -0.97 -14.24 -0.29
N ARG C 8 -0.02 -15.10 -0.64
CA ARG C 8 0.15 -15.61 -2.02
C ARG C 8 -1.13 -16.31 -2.49
N ASN C 9 -1.58 -17.29 -1.72
CA ASN C 9 -2.81 -18.02 -2.06
C ASN C 9 -3.99 -17.08 -2.18
N GLY C 10 -4.09 -16.10 -1.26
CA GLY C 10 -5.14 -15.11 -1.28
C GLY C 10 -5.14 -14.27 -2.54
N LEU C 11 -3.96 -13.85 -2.98
CA LEU C 11 -3.79 -13.00 -4.15
C LEU C 11 -4.11 -13.78 -5.43
N LEU C 12 -3.60 -15.00 -5.53
CA LEU C 12 -3.91 -15.87 -6.67
C LEU C 12 -5.43 -16.09 -6.80
N LYS C 13 -6.08 -16.37 -5.67
CA LYS C 13 -7.53 -16.55 -5.62
C LYS C 13 -8.32 -15.31 -6.01
N LYS C 14 -7.94 -14.15 -5.46
CA LYS C 14 -8.64 -12.91 -5.77
C LYS C 14 -8.41 -12.44 -7.20
N ALA C 15 -7.22 -12.73 -7.75
CA ALA C 15 -6.94 -12.49 -9.17
C ALA C 15 -7.89 -13.31 -10.03
N TYR C 16 -8.04 -14.60 -9.70
CA TYR C 16 -9.01 -15.46 -10.37
C TYR C 16 -10.42 -14.89 -10.28
N GLU C 17 -10.84 -14.46 -9.08
CA GLU C 17 -12.17 -13.94 -8.87
C GLU C 17 -12.44 -12.69 -9.72
N LEU C 18 -11.49 -11.76 -9.73
CA LEU C 18 -11.57 -10.55 -10.54
C LEU C 18 -11.80 -10.88 -12.01
N SER C 19 -11.04 -11.86 -12.52
CA SER C 19 -11.13 -12.24 -13.93
C SER C 19 -12.50 -12.81 -14.25
N VAL C 20 -13.00 -13.65 -13.35
CA VAL C 20 -14.29 -14.33 -13.54
C VAL C 20 -15.48 -13.38 -13.32
N LEU C 21 -15.45 -12.63 -12.23
CA LEU C 21 -16.61 -11.86 -11.80
C LEU C 21 -16.76 -10.58 -12.59
N CYS C 22 -15.66 -10.02 -13.11
CA CYS C 22 -15.70 -8.73 -13.80
C CYS C 22 -15.26 -8.79 -15.27
N ASP C 23 -15.14 -9.99 -15.82
CA ASP C 23 -14.75 -10.18 -17.22
C ASP C 23 -13.46 -9.40 -17.53
N ALA C 24 -12.50 -9.48 -16.62
CA ALA C 24 -11.22 -8.81 -16.76
C ALA C 24 -10.14 -9.83 -17.15
N GLU C 25 -9.14 -9.37 -17.90
CA GLU C 25 -7.98 -10.21 -18.25
C GLU C 25 -6.89 -9.86 -17.25
N VAL C 26 -6.39 -10.89 -16.55
CA VAL C 26 -5.46 -10.73 -15.45
C VAL C 26 -4.23 -11.63 -15.64
N ALA C 27 -3.04 -11.04 -15.43
CA ALA C 27 -1.79 -11.79 -15.31
C ALA C 27 -1.13 -11.38 -14.01
N LEU C 28 -0.63 -12.38 -13.27
CA LEU C 28 -0.04 -12.20 -11.96
C LEU C 28 1.16 -13.10 -11.86
N ILE C 29 2.31 -12.50 -11.58
CA ILE C 29 3.59 -13.21 -11.48
C ILE C 29 4.18 -12.86 -10.12
N ILE C 30 4.61 -13.89 -9.38
CA ILE C 30 5.12 -13.74 -8.03
C ILE C 30 6.36 -14.60 -7.87
N PHE C 31 7.48 -13.95 -7.49
CA PHE C 31 8.69 -14.64 -7.10
C PHE C 31 8.84 -14.45 -5.60
N SER C 32 8.99 -15.56 -4.89
CA SER C 32 9.34 -15.53 -3.47
C SER C 32 10.74 -14.94 -3.32
N ASN C 33 11.11 -14.61 -2.08
CA ASN C 33 12.46 -14.18 -1.74
C ASN C 33 13.53 -15.28 -1.91
N ARG C 34 13.09 -16.52 -2.15
CA ARG C 34 13.98 -17.63 -2.51
C ARG C 34 13.93 -17.88 -4.01
N GLY C 35 13.16 -17.07 -4.72
CA GLY C 35 13.03 -17.18 -6.16
C GLY C 35 12.08 -18.24 -6.71
N LYS C 36 11.20 -18.77 -5.86
CA LYS C 36 10.16 -19.69 -6.34
C LYS C 36 9.08 -18.89 -7.08
N LEU C 37 8.72 -19.38 -8.27
CA LEU C 37 7.78 -18.69 -9.15
C LEU C 37 6.37 -19.22 -8.95
N TYR C 38 5.41 -18.31 -8.79
CA TYR C 38 3.99 -18.65 -8.79
C TYR C 38 3.35 -17.70 -9.78
N GLU C 39 2.29 -18.15 -10.46
CA GLU C 39 1.63 -17.34 -11.46
C GLU C 39 0.18 -17.71 -11.67
N PHE C 40 -0.59 -16.73 -12.13
CA PHE C 40 -1.95 -16.94 -12.60
C PHE C 40 -2.15 -16.08 -13.84
N CYS C 41 -2.78 -16.65 -14.86
CA CYS C 41 -3.24 -15.90 -16.01
C CYS C 41 -4.63 -16.37 -16.40
N SER C 42 -5.55 -15.43 -16.58
CA SER C 42 -6.95 -15.77 -16.89
C SER C 42 -7.15 -16.18 -18.35
N SER C 43 -6.25 -15.77 -19.24
CA SER C 43 -6.38 -16.05 -20.68
C SER C 43 -5.85 -17.43 -21.03
N SER C 44 -5.91 -17.77 -22.33
CA SER C 44 -5.38 -19.02 -22.85
C SER C 44 -3.90 -19.24 -22.54
N SER C 45 -3.14 -18.16 -22.41
CA SER C 45 -1.71 -18.24 -22.11
C SER C 45 -1.13 -16.94 -21.59
N MET C 46 -0.25 -17.07 -20.60
CA MET C 46 0.45 -15.93 -20.02
C MET C 46 1.09 -15.08 -21.12
N LEU C 47 1.76 -15.72 -22.09
CA LEU C 47 2.45 -15.01 -23.17
C LEU C 47 1.52 -14.08 -23.91
N ARG C 48 0.31 -14.55 -24.23
CA ARG C 48 -0.68 -13.75 -24.96
C ARG C 48 -1.06 -12.48 -24.19
N THR C 49 -1.24 -12.62 -22.88
CA THR C 49 -1.59 -11.48 -22.03
C THR C 49 -0.44 -10.49 -21.89
N LEU C 50 0.79 -11.01 -21.76
CA LEU C 50 2.00 -10.18 -21.73
C LEU C 50 2.24 -9.48 -23.06
N GLU C 51 1.91 -10.15 -24.16
CA GLU C 51 1.96 -9.56 -25.49
C GLU C 51 0.94 -8.43 -25.62
N ARG C 52 -0.28 -8.66 -25.10
CA ARG C 52 -1.29 -7.62 -25.08
C ARG C 52 -0.75 -6.40 -24.28
N TYR C 53 -0.17 -6.66 -23.13
CA TYR C 53 0.39 -5.62 -22.26
C TYR C 53 1.43 -4.75 -22.97
N GLN C 54 2.37 -5.41 -23.66
CA GLN C 54 3.46 -4.72 -24.37
C GLN C 54 2.98 -3.81 -25.49
N LYS C 55 1.85 -4.15 -26.10
CA LYS C 55 1.27 -3.34 -27.18
C LYS C 55 0.72 -1.97 -26.74
N CYS C 56 0.31 -1.84 -25.48
CA CYS C 56 -0.04 -0.55 -24.89
C CYS C 56 1.21 0.23 -24.49
N ASN C 57 1.02 1.41 -23.89
CA ASN C 57 2.07 2.18 -23.22
C ASN C 57 1.99 2.13 -21.69
N VAL D 2 -5.84 17.47 -8.04
CA VAL D 2 -5.14 17.92 -6.81
C VAL D 2 -3.96 16.97 -6.47
N THR D 3 -2.83 17.56 -6.03
CA THR D 3 -1.72 16.82 -5.46
C THR D 3 -1.87 16.49 -3.97
N PHE D 4 -2.95 16.99 -3.33
CA PHE D 4 -3.40 16.45 -2.01
C PHE D 4 -3.57 14.93 -2.05
N ALA D 5 -4.30 14.43 -3.05
CA ALA D 5 -4.56 13.00 -3.19
C ALA D 5 -3.26 12.21 -3.27
N LYS D 6 -2.33 12.69 -4.11
CA LYS D 6 -1.04 12.03 -4.33
C LYS D 6 -0.20 11.99 -3.05
N ARG D 7 -0.06 13.13 -2.39
CA ARG D 7 0.75 13.21 -1.17
C ARG D 7 0.12 12.42 -0.04
N ARG D 8 -1.21 12.47 0.07
CA ARG D 8 -1.96 11.69 1.04
C ARG D 8 -1.72 10.20 0.87
N ASN D 9 -1.95 9.71 -0.35
CA ASN D 9 -1.73 8.29 -0.66
C ASN D 9 -0.29 7.88 -0.37
N GLY D 10 0.66 8.75 -0.74
CA GLY D 10 2.08 8.52 -0.49
C GLY D 10 2.41 8.39 0.99
N LEU D 11 1.82 9.26 1.80
CA LEU D 11 2.07 9.30 3.24
C LEU D 11 1.45 8.07 3.92
N LEU D 12 0.22 7.73 3.55
CA LEU D 12 -0.44 6.52 4.07
C LEU D 12 0.38 5.27 3.76
N LYS D 13 0.87 5.17 2.52
CA LYS D 13 1.72 4.07 2.10
C LYS D 13 3.04 3.98 2.84
N LYS D 14 3.73 5.12 2.98
CA LYS D 14 5.01 5.15 3.67
C LYS D 14 4.88 4.89 5.18
N ALA D 15 3.76 5.34 5.76
CA ALA D 15 3.42 5.01 7.16
C ALA D 15 3.29 3.51 7.32
N TYR D 16 2.55 2.87 6.41
CA TYR D 16 2.46 1.42 6.37
C TYR D 16 3.83 0.74 6.27
N GLU D 17 4.67 1.24 5.35
CA GLU D 17 5.97 0.66 5.12
C GLU D 17 6.87 0.74 6.37
N LEU D 18 6.88 1.90 7.00
CA LEU D 18 7.63 2.12 8.24
C LEU D 18 7.22 1.11 9.30
N SER D 19 5.91 0.88 9.46
CA SER D 19 5.41 -0.02 10.48
C SER D 19 5.85 -1.44 10.21
N VAL D 20 5.77 -1.84 8.93
CA VAL D 20 6.09 -3.22 8.56
C VAL D 20 7.60 -3.48 8.50
N LEU D 21 8.35 -2.55 7.91
CA LEU D 21 9.76 -2.76 7.63
C LEU D 21 10.62 -2.55 8.87
N CYS D 22 10.19 -1.70 9.80
CA CYS D 22 10.99 -1.35 10.97
C CYS D 22 10.35 -1.70 12.32
N ASP D 23 9.29 -2.52 12.28
CA ASP D 23 8.64 -3.00 13.50
C ASP D 23 8.25 -1.79 14.40
N ALA D 24 7.70 -0.76 13.77
CA ALA D 24 7.28 0.44 14.47
C ALA D 24 5.75 0.47 14.58
N GLU D 25 5.25 1.08 15.65
CA GLU D 25 3.81 1.29 15.81
C GLU D 25 3.55 2.72 15.36
N VAL D 26 2.63 2.87 14.40
CA VAL D 26 2.38 4.13 13.72
C VAL D 26 0.87 4.45 13.71
N ALA D 27 0.54 5.71 14.05
CA ALA D 27 -0.80 6.26 13.87
C ALA D 27 -0.69 7.55 13.08
N LEU D 28 -1.56 7.70 12.07
CA LEU D 28 -1.55 8.82 11.15
C LEU D 28 -2.99 9.24 10.92
N ILE D 29 -3.27 10.52 11.20
CA ILE D 29 -4.60 11.11 11.04
C ILE D 29 -4.44 12.34 10.16
N ILE D 30 -5.30 12.43 9.13
CA ILE D 30 -5.27 13.50 8.15
C ILE D 30 -6.68 14.01 7.91
N PHE D 31 -6.89 15.31 8.12
CA PHE D 31 -8.12 16.00 7.74
C PHE D 31 -7.77 16.89 6.58
N SER D 32 -8.49 16.74 5.47
CA SER D 32 -8.37 17.65 4.35
C SER D 32 -8.85 19.04 4.76
N ASN D 33 -8.58 20.05 3.93
CA ASN D 33 -9.12 21.40 4.10
C ASN D 33 -10.64 21.49 3.94
N ARG D 34 -11.28 20.41 3.50
CA ARG D 34 -12.74 20.30 3.47
C ARG D 34 -13.22 19.45 4.63
N GLY D 35 -12.29 19.00 5.47
CA GLY D 35 -12.60 18.20 6.64
C GLY D 35 -12.83 16.71 6.44
N LYS D 36 -12.45 16.17 5.27
CA LYS D 36 -12.50 14.72 5.06
C LYS D 36 -11.39 14.04 5.82
N LEU D 37 -11.74 12.98 6.55
CA LEU D 37 -10.81 12.25 7.41
C LEU D 37 -10.20 11.07 6.69
N TYR D 38 -8.86 10.95 6.76
CA TYR D 38 -8.15 9.76 6.32
C TYR D 38 -7.26 9.34 7.46
N GLU D 39 -7.01 8.04 7.60
CA GLU D 39 -6.23 7.52 8.71
C GLU D 39 -5.56 6.21 8.41
N PHE D 40 -4.45 5.95 9.12
CA PHE D 40 -3.80 4.66 9.15
C PHE D 40 -3.32 4.40 10.57
N CYS D 41 -3.53 3.17 11.04
CA CYS D 41 -2.92 2.72 12.28
C CYS D 41 -2.42 1.30 12.10
N SER D 42 -1.16 1.06 12.49
CA SER D 42 -0.54 -0.26 12.31
C SER D 42 -0.99 -1.29 13.33
N SER D 43 -1.49 -0.83 14.48
CA SER D 43 -1.90 -1.73 15.56
C SER D 43 -3.33 -2.25 15.34
N SER D 44 -3.79 -3.08 16.28
CA SER D 44 -5.15 -3.62 16.29
C SER D 44 -6.24 -2.53 16.25
N SER D 45 -5.95 -1.35 16.81
CA SER D 45 -6.90 -0.24 16.81
C SER D 45 -6.23 1.09 17.07
N MET D 46 -6.72 2.11 16.34
CA MET D 46 -6.26 3.48 16.52
C MET D 46 -6.30 3.89 18.00
N LEU D 47 -7.42 3.57 18.68
CA LEU D 47 -7.61 3.94 20.08
C LEU D 47 -6.48 3.43 20.96
N ARG D 48 -6.07 2.17 20.76
CA ARG D 48 -4.99 1.55 21.53
C ARG D 48 -3.67 2.33 21.37
N THR D 49 -3.37 2.75 20.14
CA THR D 49 -2.14 3.48 19.85
C THR D 49 -2.19 4.90 20.43
N LEU D 50 -3.35 5.55 20.33
CA LEU D 50 -3.55 6.86 20.93
C LEU D 50 -3.48 6.80 22.45
N GLU D 51 -3.99 5.71 23.02
CA GLU D 51 -3.89 5.47 24.46
C GLU D 51 -2.44 5.26 24.88
N ARG D 52 -1.68 4.51 24.08
CA ARG D 52 -0.25 4.36 24.33
C ARG D 52 0.43 5.74 24.31
N TYR D 53 0.10 6.55 23.30
CA TYR D 53 0.67 7.88 23.16
C TYR D 53 0.42 8.76 24.40
N GLN D 54 -0.83 8.78 24.87
CA GLN D 54 -1.23 9.59 26.02
C GLN D 54 -0.51 9.24 27.31
N LYS D 55 -0.13 7.96 27.46
CA LYS D 55 0.61 7.51 28.64
C LYS D 55 2.04 8.05 28.73
N CYS D 56 2.61 8.43 27.58
CA CYS D 56 3.92 9.10 27.48
C CYS D 56 3.82 10.59 27.75
#